data_5LWN
#
_entry.id   5LWN
#
_cell.length_a   42.049
_cell.length_b   62.570
_cell.length_c   51.080
_cell.angle_alpha   90.00
_cell.angle_beta   92.55
_cell.angle_gamma   90.00
#
_symmetry.space_group_name_H-M   'P 1 21 1'
#
loop_
_entity.id
_entity.type
_entity.pdbx_description
1 polymer 'Tyrosine-protein kinase JAK3'
2 non-polymer 1-phenylurea
3 non-polymer 1,2-ETHANEDIOL
4 non-polymer (~{Z})-2-cyano-~{N},~{N}-dimethyl-3-[5-[3-[(1~{S},2~{R})-2-methylcyclohexyl]-3,5,8,10-tetrazatricyclo[7.3.0.0^{2,6}]dodeca-1,4,6,8,11-pentaen-4-yl]furan-2-yl]prop-2-enamide
5 non-polymer (2~{S})-2-cyano-~{N},~{N}-dimethyl-3-[5-[3-[(1~{S},2~{R})-2-methylcyclohexyl]-3,5,8,10-tetrazatricyclo[7.3.0.0^{2,6}]dodeca-1,4,6,8,11-pentaen-4-yl]furan-2-yl]propanamide
6 water water
#
_entity_poly.entity_id   1
_entity_poly.type   'polypeptide(L)'
_entity_poly.pdbx_seq_one_letter_code
;SMQDPTIFEERHLKYISQLGKGNFGSVELCRYDPLGDNTGALVAVKQLQHSGPDQQRDFQREIQILKALHSDFIVKYRGV
SYGPGRQSLRLVMEYLPSGCLRDFLQRHRARLDASRLLLYSSQICKGMEYLGSRRCVHRALAARNILVESEAHVKIADFG
LAKLLPLDKDYYVVREPGQSPIFWYAPESLSDNIFSRQSDVWSFGVVLYELFTYCDKSCSPSAEFLRMMGSERDVPALSR
LLELLEEGQRLPAPPACPAEVHELMKLCWAPSPQDRPSFSALGPQLDMLWSGSR
;
_entity_poly.pdbx_strand_id   A
#
loop_
_chem_comp.id
_chem_comp.type
_chem_comp.name
_chem_comp.formula
79R non-polymer (~{Z})-2-cyano-~{N},~{N}-dimethyl-3-[5-[3-[(1~{S},2~{R})-2-methylcyclohexyl]-3,5,8,10-tetrazatricyclo[7.3.0.0^{2,6}]dodeca-1,4,6,8,11-pentaen-4-yl]furan-2-yl]prop-2-enamide 'C25 H26 N6 O2'
79S non-polymer (2~{S})-2-cyano-~{N},~{N}-dimethyl-3-[5-[3-[(1~{S},2~{R})-2-methylcyclohexyl]-3,5,8,10-tetrazatricyclo[7.3.0.0^{2,6}]dodeca-1,4,6,8,11-pentaen-4-yl]furan-2-yl]propanamide 'C25 H28 N6 O2'
EDO non-polymer 1,2-ETHANEDIOL 'C2 H6 O2'
PHU non-polymer 1-phenylurea 'C7 H8 N2 O'
#
# COMPACT_ATOMS: atom_id res chain seq x y z
N PRO A 5 25.70 -4.54 11.66
CA PRO A 5 24.95 -5.28 10.62
C PRO A 5 23.90 -4.44 9.85
N THR A 6 23.21 -3.54 10.55
CA THR A 6 22.28 -2.62 9.93
C THR A 6 22.93 -1.34 9.30
N ILE A 7 24.25 -1.18 9.33
CA ILE A 7 24.88 -0.01 8.65
C ILE A 7 25.59 -0.52 7.41
N PHE A 8 25.07 -0.13 6.26
CA PHE A 8 25.65 -0.45 4.96
C PHE A 8 26.60 0.71 4.60
N GLU A 9 27.82 0.38 4.23
CA GLU A 9 28.76 1.39 3.78
C GLU A 9 28.36 1.79 2.37
N GLU A 10 28.17 3.10 2.16
CA GLU A 10 27.61 3.61 0.89
C GLU A 10 28.49 3.26 -0.33
N ARG A 11 29.78 3.28 -0.12
CA ARG A 11 30.73 3.06 -1.20
C ARG A 11 30.65 1.64 -1.67
N HIS A 12 30.06 0.73 -0.87
CA HIS A 12 29.82 -0.66 -1.26
C HIS A 12 28.43 -0.97 -1.81
N LEU A 13 27.57 0.03 -1.99
CA LEU A 13 26.24 -0.18 -2.62
C LEU A 13 26.33 0.18 -4.08
N LYS A 14 26.20 -0.81 -4.95
CA LYS A 14 26.29 -0.59 -6.39
C LYS A 14 24.91 -0.53 -7.06
N TYR A 15 24.62 0.62 -7.66
CA TYR A 15 23.36 0.86 -8.41
C TYR A 15 23.21 -0.02 -9.61
N ILE A 16 22.03 -0.61 -9.77
CA ILE A 16 21.71 -1.40 -10.92
C ILE A 16 20.60 -0.74 -11.72
N SER A 17 19.46 -0.48 -11.06
CA SER A 17 18.31 0.04 -11.79
C SER A 17 17.25 0.61 -10.84
N GLN A 18 16.29 1.33 -11.42
CA GLN A 18 15.17 1.94 -10.68
C GLN A 18 14.01 0.93 -10.54
N LEU A 19 13.47 0.79 -9.34
CA LEU A 19 12.28 -0.02 -9.11
C LEU A 19 11.01 0.86 -9.02
N GLY A 20 11.10 1.98 -8.36
CA GLY A 20 9.96 2.89 -8.15
C GLY A 20 10.41 4.34 -8.09
N LYS A 21 9.52 5.22 -8.51
CA LYS A 21 9.75 6.65 -8.47
C LYS A 21 8.55 7.20 -7.77
N GLY A 22 8.80 8.12 -6.85
CA GLY A 22 7.77 8.79 -6.11
C GLY A 22 7.90 10.26 -6.42
N ASN A 23 7.15 11.05 -5.68
CA ASN A 23 7.15 12.49 -5.87
C ASN A 23 8.51 13.05 -5.40
N PHE A 24 9.00 12.52 -4.28
CA PHE A 24 10.22 13.02 -3.62
C PHE A 24 11.33 11.96 -3.42
N GLY A 25 11.13 10.76 -3.95
CA GLY A 25 12.10 9.69 -3.68
C GLY A 25 12.18 8.68 -4.78
N SER A 26 13.14 7.78 -4.66
CA SER A 26 13.12 6.61 -5.51
C SER A 26 13.64 5.39 -4.76
N VAL A 27 13.22 4.21 -5.25
CA VAL A 27 13.64 2.93 -4.76
C VAL A 27 14.43 2.32 -5.90
N GLU A 28 15.62 1.88 -5.55
CA GLU A 28 16.62 1.43 -6.53
C GLU A 28 17.11 0.04 -6.18
N LEU A 29 17.25 -0.78 -7.22
CA LEU A 29 17.86 -2.10 -7.05
C LEU A 29 19.40 -1.88 -7.02
N CYS A 30 20.05 -2.31 -5.92
CA CYS A 30 21.49 -2.23 -5.73
C CYS A 30 22.06 -3.60 -5.34
N ARG A 31 23.36 -3.79 -5.60
CA ARG A 31 24.04 -4.87 -4.96
C ARG A 31 24.84 -4.32 -3.79
N TYR A 32 24.80 -4.98 -2.61
CA TYR A 32 25.75 -4.63 -1.53
C TYR A 32 26.95 -5.55 -1.70
N ASP A 33 28.06 -4.96 -2.06
CA ASP A 33 29.19 -5.76 -2.57
C ASP A 33 30.46 -5.30 -1.85
N PRO A 34 30.57 -5.59 -0.53
CA PRO A 34 31.77 -5.23 0.22
C PRO A 34 33.05 -5.93 -0.24
N LEU A 35 32.94 -7.03 -0.99
CA LEU A 35 34.13 -7.66 -1.55
C LEU A 35 34.56 -7.11 -2.92
N GLY A 36 33.74 -6.27 -3.53
CA GLY A 36 34.08 -5.59 -4.77
C GLY A 36 34.06 -6.46 -6.03
N ASP A 37 33.64 -7.73 -5.92
CA ASP A 37 33.77 -8.72 -7.01
C ASP A 37 32.44 -9.06 -7.64
N ASN A 38 31.42 -8.23 -7.38
CA ASN A 38 30.05 -8.42 -7.84
C ASN A 38 29.30 -9.67 -7.39
N THR A 39 29.72 -10.24 -6.25
CA THR A 39 29.06 -11.41 -5.63
C THR A 39 28.12 -11.10 -4.46
N GLY A 40 28.04 -9.83 -4.07
CA GLY A 40 27.22 -9.43 -2.90
C GLY A 40 25.71 -9.67 -3.05
N ALA A 41 24.98 -9.51 -1.94
CA ALA A 41 23.50 -9.58 -1.94
C ALA A 41 22.85 -8.40 -2.66
N LEU A 42 21.74 -8.67 -3.32
CA LEU A 42 20.88 -7.61 -3.87
C LEU A 42 19.92 -7.08 -2.77
N VAL A 43 19.76 -5.77 -2.78
CA VAL A 43 18.88 -5.06 -1.87
C VAL A 43 18.13 -4.01 -2.61
N ALA A 44 17.03 -3.56 -2.01
CA ALA A 44 16.30 -2.41 -2.54
C ALA A 44 16.60 -1.21 -1.68
N VAL A 45 16.88 -0.04 -2.29
CA VAL A 45 17.39 1.07 -1.54
C VAL A 45 16.58 2.30 -1.87
N LYS A 46 15.98 2.93 -0.86
CA LYS A 46 15.29 4.19 -1.05
C LYS A 46 16.19 5.38 -0.71
N GLN A 47 16.12 6.42 -1.55
CA GLN A 47 16.76 7.72 -1.28
C GLN A 47 15.85 8.84 -1.77
N LEU A 48 16.07 10.06 -1.27
CA LEU A 48 15.25 11.21 -1.68
C LEU A 48 15.84 12.01 -2.83
N GLN A 49 14.96 12.71 -3.57
CA GLN A 49 15.32 13.72 -4.57
C GLN A 49 14.29 14.83 -4.47
N HIS A 50 14.68 16.04 -4.84
CA HIS A 50 13.79 17.22 -4.73
C HIS A 50 13.22 17.36 -3.29
N SER A 51 14.05 17.07 -2.27
CA SER A 51 13.55 16.99 -0.91
C SER A 51 13.90 18.25 -0.13
N GLY A 52 12.89 18.79 0.55
CA GLY A 52 13.08 19.80 1.55
C GLY A 52 13.09 19.18 2.92
N PRO A 53 12.94 20.02 3.95
CA PRO A 53 12.96 19.56 5.33
C PRO A 53 11.87 18.61 5.66
N ASP A 54 10.65 18.92 5.21
CA ASP A 54 9.50 18.10 5.51
C ASP A 54 9.72 16.69 4.97
N GLN A 55 10.25 16.61 3.76
CA GLN A 55 10.46 15.30 3.11
C GLN A 55 11.56 14.53 3.83
N GLN A 56 12.61 15.22 4.27
CA GLN A 56 13.69 14.59 5.05
C GLN A 56 13.17 14.04 6.37
N ARG A 57 12.34 14.84 7.03
CA ARG A 57 11.80 14.44 8.30
C ARG A 57 10.88 13.25 8.14
N ASP A 58 10.01 13.27 7.12
CA ASP A 58 9.12 12.13 6.88
C ASP A 58 9.96 10.86 6.62
N PHE A 59 11.07 10.99 5.94
CA PHE A 59 11.94 9.80 5.58
C PHE A 59 12.59 9.21 6.83
N GLN A 60 13.01 10.08 7.75
CA GLN A 60 13.51 9.60 9.07
C GLN A 60 12.46 8.77 9.81
N ARG A 61 11.23 9.27 9.76
CA ARG A 61 10.05 8.60 10.32
CA ARG A 61 10.07 8.60 10.34
C ARG A 61 9.84 7.23 9.67
N GLU A 62 9.83 7.20 8.36
CA GLU A 62 9.67 5.93 7.59
C GLU A 62 10.65 4.84 8.02
N ILE A 63 11.90 5.22 8.13
CA ILE A 63 12.95 4.33 8.58
C ILE A 63 12.67 3.78 10.00
N GLN A 64 12.33 4.64 10.95
CA GLN A 64 12.09 4.20 12.31
C GLN A 64 10.88 3.26 12.41
N ILE A 65 9.83 3.56 11.67
CA ILE A 65 8.67 2.71 11.65
C ILE A 65 9.06 1.32 11.08
N LEU A 66 9.64 1.32 9.91
CA LEU A 66 9.87 0.01 9.22
C LEU A 66 10.86 -0.86 9.98
N LYS A 67 11.89 -0.24 10.57
CA LYS A 67 12.84 -0.97 11.38
C LYS A 67 12.20 -1.69 12.56
N ALA A 68 11.14 -1.11 13.13
CA ALA A 68 10.49 -1.72 14.28
C ALA A 68 9.52 -2.85 13.98
N LEU A 69 9.08 -2.99 12.73
CA LEU A 69 8.10 -3.96 12.35
C LEU A 69 8.69 -5.34 12.00
N HIS A 70 8.11 -6.40 12.56
CA HIS A 70 8.56 -7.78 12.31
C HIS A 70 7.37 -8.62 12.04
N SER A 71 6.97 -8.61 10.78
CA SER A 71 5.84 -9.41 10.32
C SER A 71 6.24 -10.10 9.07
N ASP A 72 5.76 -11.33 8.90
CA ASP A 72 5.85 -12.03 7.62
C ASP A 72 5.16 -11.31 6.46
N PHE A 73 4.21 -10.40 6.78
CA PHE A 73 3.44 -9.67 5.79
C PHE A 73 3.82 -8.21 5.61
N ILE A 74 5.03 -7.83 6.05
CA ILE A 74 5.56 -6.49 5.86
C ILE A 74 6.98 -6.59 5.34
N VAL A 75 7.28 -5.83 4.33
CA VAL A 75 8.65 -5.86 3.73
C VAL A 75 9.71 -5.66 4.80
N LYS A 76 10.78 -6.44 4.69
CA LYS A 76 11.84 -6.41 5.70
C LYS A 76 12.78 -5.25 5.58
N TYR A 77 12.95 -4.53 6.68
CA TYR A 77 14.04 -3.58 6.85
C TYR A 77 15.37 -4.33 6.98
N ARG A 78 16.39 -3.80 6.32
CA ARG A 78 17.74 -4.36 6.46
C ARG A 78 18.66 -3.43 7.18
N GLY A 79 18.58 -2.14 6.86
CA GLY A 79 19.50 -1.17 7.45
C GLY A 79 19.46 0.16 6.76
N VAL A 80 20.45 0.98 7.04
CA VAL A 80 20.56 2.27 6.46
C VAL A 80 21.97 2.48 5.91
N SER A 81 22.09 3.44 5.02
CA SER A 81 23.38 3.94 4.59
C SER A 81 23.42 5.45 4.57
N TYR A 82 24.63 6.00 4.65
CA TYR A 82 24.84 7.44 4.61
C TYR A 82 26.03 7.65 3.68
N GLY A 83 25.87 8.45 2.62
CA GLY A 83 27.03 8.98 1.88
C GLY A 83 27.73 10.13 2.61
N PRO A 84 28.86 10.62 2.05
CA PRO A 84 29.37 11.90 2.51
C PRO A 84 28.44 13.02 2.07
N GLY A 85 28.44 14.12 2.82
CA GLY A 85 27.62 15.30 2.54
C GLY A 85 26.27 15.34 3.24
N ARG A 86 25.66 16.53 3.23
CA ARG A 86 24.29 16.73 3.68
C ARG A 86 23.30 15.94 2.80
N GLN A 87 22.16 15.53 3.38
CA GLN A 87 21.11 14.75 2.67
C GLN A 87 21.59 13.35 2.17
N SER A 88 22.36 12.66 3.02
CA SER A 88 23.05 11.41 2.66
C SER A 88 22.25 10.10 2.89
N LEU A 89 21.14 10.18 3.62
CA LEU A 89 20.44 8.99 4.19
C LEU A 89 19.81 8.00 3.13
N ARG A 90 20.03 6.71 3.33
CA ARG A 90 19.38 5.71 2.48
C ARG A 90 18.79 4.61 3.34
N LEU A 91 17.62 4.13 2.96
CA LEU A 91 16.95 3.01 3.61
C LEU A 91 17.15 1.75 2.76
N VAL A 92 17.71 0.74 3.38
CA VAL A 92 17.99 -0.54 2.72
C VAL A 92 16.94 -1.56 3.17
N MET A 93 16.32 -2.21 2.19
CA MET A 93 15.25 -3.20 2.41
C MET A 93 15.61 -4.47 1.58
N GLU A 94 14.97 -5.55 1.97
CA GLU A 94 14.99 -6.73 1.16
C GLU A 94 14.48 -6.43 -0.27
N TYR A 95 15.01 -7.17 -1.23
CA TYR A 95 14.58 -7.02 -2.62
C TYR A 95 13.74 -8.26 -2.92
N LEU A 96 12.56 -8.04 -3.48
CA LEU A 96 11.68 -9.15 -3.86
CA LEU A 96 11.64 -9.14 -3.86
C LEU A 96 11.51 -9.12 -5.39
N PRO A 97 12.26 -10.02 -6.12
CA PRO A 97 12.31 -9.87 -7.59
C PRO A 97 11.01 -10.14 -8.32
N SER A 98 10.06 -10.75 -7.68
CA SER A 98 8.76 -10.99 -8.32
C SER A 98 7.95 -9.70 -8.45
N GLY A 99 8.35 -8.63 -7.75
CA GLY A 99 7.79 -7.31 -7.97
C GLY A 99 6.44 -7.12 -7.31
N CYS A 100 5.69 -6.14 -7.80
CA CYS A 100 4.46 -5.79 -7.13
CA CYS A 100 4.44 -5.77 -7.16
C CYS A 100 3.29 -6.65 -7.53
N LEU A 101 2.30 -6.68 -6.65
CA LEU A 101 1.12 -7.48 -6.83
C LEU A 101 0.32 -7.01 -8.05
N ARG A 102 0.25 -5.70 -8.25
CA ARG A 102 -0.49 -5.15 -9.37
C ARG A 102 -0.01 -5.76 -10.69
N ASP A 103 1.31 -5.73 -10.91
CA ASP A 103 1.91 -6.28 -12.15
C ASP A 103 1.76 -7.80 -12.19
N PHE A 104 1.93 -8.46 -11.05
CA PHE A 104 1.81 -9.91 -10.93
C PHE A 104 0.43 -10.43 -11.28
N LEU A 105 -0.61 -9.75 -10.78
CA LEU A 105 -1.94 -10.11 -11.13
C LEU A 105 -2.28 -9.96 -12.60
N GLN A 106 -1.81 -8.90 -13.22
CA GLN A 106 -2.11 -8.69 -14.62
C GLN A 106 -1.36 -9.73 -15.49
N ARG A 107 -0.12 -9.97 -15.14
CA ARG A 107 0.69 -10.97 -15.92
C ARG A 107 0.11 -12.39 -15.79
N HIS A 108 -0.24 -12.83 -14.57
CA HIS A 108 -0.63 -14.24 -14.31
C HIS A 108 -2.08 -14.55 -14.04
N ARG A 109 -2.95 -13.60 -14.33
CA ARG A 109 -4.37 -13.75 -14.06
C ARG A 109 -4.94 -15.13 -14.39
N ALA A 110 -4.67 -15.60 -15.61
CA ALA A 110 -5.30 -16.83 -16.11
C ALA A 110 -5.01 -18.05 -15.23
N ARG A 111 -3.97 -17.99 -14.38
CA ARG A 111 -3.65 -19.09 -13.48
C ARG A 111 -3.73 -18.82 -11.97
N LEU A 112 -4.32 -17.70 -11.59
CA LEU A 112 -4.45 -17.40 -10.18
C LEU A 112 -5.93 -17.47 -9.85
N ASP A 113 -6.33 -18.45 -9.05
CA ASP A 113 -7.74 -18.69 -8.81
C ASP A 113 -8.25 -17.93 -7.61
N ALA A 114 -9.57 -18.01 -7.36
CA ALA A 114 -10.19 -17.29 -6.26
C ALA A 114 -9.58 -17.63 -4.90
N SER A 115 -9.22 -18.90 -4.70
CA SER A 115 -8.57 -19.34 -3.45
C SER A 115 -7.27 -18.56 -3.23
N ARG A 116 -6.48 -18.42 -4.29
CA ARG A 116 -5.23 -17.68 -4.19
C ARG A 116 -5.46 -16.17 -3.89
N LEU A 117 -6.45 -15.59 -4.54
CA LEU A 117 -6.76 -14.17 -4.25
C LEU A 117 -7.24 -14.03 -2.80
N LEU A 118 -8.01 -15.01 -2.28
CA LEU A 118 -8.38 -15.02 -0.88
C LEU A 118 -7.17 -15.12 0.08
N LEU A 119 -6.19 -15.93 -0.30
CA LEU A 119 -4.97 -16.01 0.45
C LEU A 119 -4.29 -14.70 0.50
N TYR A 120 -4.11 -14.03 -0.64
CA TYR A 120 -3.43 -12.73 -0.60
C TYR A 120 -4.20 -11.76 0.28
N SER A 121 -5.52 -11.79 0.16
CA SER A 121 -6.43 -10.91 0.98
C SER A 121 -6.20 -11.09 2.46
N SER A 122 -6.19 -12.34 2.90
CA SER A 122 -5.96 -12.70 4.29
C SER A 122 -4.57 -12.22 4.75
N GLN A 123 -3.54 -12.42 3.92
CA GLN A 123 -2.17 -11.99 4.28
C GLN A 123 -2.04 -10.47 4.42
N ILE A 124 -2.67 -9.75 3.50
CA ILE A 124 -2.62 -8.29 3.57
C ILE A 124 -3.37 -7.82 4.83
N CYS A 125 -4.55 -8.39 5.10
CA CYS A 125 -5.27 -8.11 6.33
C CYS A 125 -4.45 -8.35 7.58
N LYS A 126 -3.70 -9.46 7.62
CA LYS A 126 -2.87 -9.75 8.79
C LYS A 126 -1.73 -8.72 8.98
N GLY A 127 -1.15 -8.28 7.87
CA GLY A 127 -0.18 -7.22 7.94
C GLY A 127 -0.77 -5.93 8.44
N MET A 128 -1.99 -5.61 8.00
CA MET A 128 -2.68 -4.36 8.46
C MET A 128 -3.07 -4.50 9.91
N GLU A 129 -3.42 -5.70 10.36
CA GLU A 129 -3.71 -5.90 11.77
C GLU A 129 -2.47 -5.61 12.62
N TYR A 130 -1.32 -6.09 12.11
CA TYR A 130 -0.05 -5.87 12.78
C TYR A 130 0.26 -4.37 12.90
N LEU A 131 0.08 -3.66 11.79
CA LEU A 131 0.24 -2.18 11.80
C LEU A 131 -0.67 -1.54 12.80
N GLY A 132 -1.93 -1.93 12.77
CA GLY A 132 -2.90 -1.36 13.70
C GLY A 132 -2.55 -1.52 15.16
N SER A 133 -1.99 -2.67 15.54
CA SER A 133 -1.56 -2.89 16.90
C SER A 133 -0.40 -1.99 17.33
N ARG A 134 0.31 -1.40 16.38
CA ARG A 134 1.39 -0.49 16.60
C ARG A 134 0.96 0.96 16.35
N ARG A 135 -0.34 1.16 16.18
CA ARG A 135 -0.97 2.49 15.95
C ARG A 135 -0.44 3.15 14.70
N CYS A 136 -0.10 2.33 13.71
CA CYS A 136 0.43 2.85 12.47
C CYS A 136 -0.66 2.91 11.40
N VAL A 137 -0.81 4.09 10.79
CA VAL A 137 -1.64 4.30 9.64
C VAL A 137 -0.72 4.23 8.38
N HIS A 138 -1.06 3.36 7.46
CA HIS A 138 -0.22 3.15 6.28
C HIS A 138 -0.49 4.15 5.18
N ARG A 139 -1.79 4.40 4.91
CA ARG A 139 -2.30 5.42 3.99
C ARG A 139 -2.17 5.09 2.50
N ALA A 140 -0.99 4.62 2.10
CA ALA A 140 -0.67 4.34 0.69
C ALA A 140 -1.16 3.06 0.14
N LEU A 141 -1.64 2.15 1.00
CA LEU A 141 -2.02 0.79 0.63
C LEU A 141 -2.74 0.68 -0.69
N ALA A 142 -2.13 -0.07 -1.62
CA ALA A 142 -2.68 -0.30 -2.95
C ALA A 142 -1.90 -1.47 -3.58
N ALA A 143 -2.53 -2.16 -4.52
CA ALA A 143 -1.81 -3.31 -5.19
C ALA A 143 -0.44 -2.91 -5.79
N ARG A 144 -0.26 -1.65 -6.17
CA ARG A 144 1.01 -1.19 -6.73
CA ARG A 144 1.00 -1.17 -6.72
C ARG A 144 2.14 -1.13 -5.71
N ASN A 145 1.79 -1.18 -4.41
CA ASN A 145 2.81 -1.16 -3.38
C ASN A 145 2.83 -2.36 -2.47
N ILE A 146 2.19 -3.47 -2.89
CA ILE A 146 2.24 -4.72 -2.16
C ILE A 146 3.18 -5.59 -3.01
N LEU A 147 4.10 -6.26 -2.35
CA LEU A 147 5.15 -7.08 -3.03
C LEU A 147 4.81 -8.53 -2.99
N VAL A 148 5.29 -9.26 -4.00
CA VAL A 148 5.10 -10.71 -4.10
C VAL A 148 6.43 -11.33 -3.69
N GLU A 149 6.41 -12.00 -2.57
CA GLU A 149 7.58 -12.75 -2.10
C GLU A 149 7.67 -14.11 -2.75
N SER A 150 6.55 -14.76 -2.95
CA SER A 150 6.47 -15.94 -3.76
C SER A 150 5.03 -15.98 -4.22
N GLU A 151 4.71 -17.00 -5.03
CA GLU A 151 3.36 -17.04 -5.61
C GLU A 151 2.28 -17.15 -4.53
N ALA A 152 2.62 -17.62 -3.34
CA ALA A 152 1.64 -17.79 -2.27
C ALA A 152 1.94 -16.89 -1.03
N HIS A 153 2.61 -15.76 -1.25
CA HIS A 153 3.06 -14.94 -0.13
C HIS A 153 3.28 -13.52 -0.58
N VAL A 154 2.51 -12.61 0.02
CA VAL A 154 2.65 -11.17 -0.28
C VAL A 154 3.02 -10.38 0.96
N LYS A 155 3.54 -9.19 0.73
CA LYS A 155 4.06 -8.32 1.81
C LYS A 155 3.72 -6.88 1.51
N ILE A 156 3.33 -6.16 2.54
CA ILE A 156 3.07 -4.73 2.38
C ILE A 156 4.35 -3.92 2.33
N ALA A 157 4.44 -2.98 1.36
CA ALA A 157 5.59 -2.13 1.20
C ALA A 157 5.19 -0.63 1.08
N ASP A 158 6.07 0.22 0.58
CA ASP A 158 5.85 1.66 0.46
C ASP A 158 5.29 2.32 1.77
N PHE A 159 6.16 2.46 2.75
CA PHE A 159 5.86 3.15 4.00
C PHE A 159 6.12 4.66 3.96
N GLY A 160 6.19 5.23 2.76
CA GLY A 160 6.49 6.63 2.58
C GLY A 160 5.52 7.64 3.17
N LEU A 161 4.29 7.21 3.34
CA LEU A 161 3.27 8.09 3.91
C LEU A 161 2.82 7.60 5.25
N ALA A 162 3.44 6.56 5.78
CA ALA A 162 3.02 5.94 7.05
C ALA A 162 3.29 6.87 8.22
N LYS A 163 2.43 6.80 9.21
CA LYS A 163 2.49 7.67 10.37
C LYS A 163 1.95 6.94 11.61
N LEU A 164 2.55 7.22 12.75
CA LEU A 164 2.05 6.68 14.02
C LEU A 164 1.04 7.65 14.62
N LEU A 165 -0.06 7.10 15.10
CA LEU A 165 -1.01 7.89 15.84
C LEU A 165 -0.45 8.19 17.23
N PRO A 166 -0.68 9.41 17.72
CA PRO A 166 -0.35 9.68 19.11
C PRO A 166 -1.04 8.69 20.04
N LEU A 167 -0.54 8.50 21.25
CA LEU A 167 -1.12 7.51 22.19
C LEU A 167 -2.55 7.80 22.59
N ASP A 168 -2.94 9.06 22.55
CA ASP A 168 -4.28 9.52 22.96
C ASP A 168 -5.20 10.03 21.84
N LYS A 169 -4.89 9.72 20.57
CA LYS A 169 -5.68 10.24 19.47
C LYS A 169 -5.76 9.15 18.41
N ASP A 170 -6.93 8.95 17.83
CA ASP A 170 -7.10 7.82 16.89
CA ASP A 170 -7.30 7.88 16.90
C ASP A 170 -7.14 8.27 15.43
N TYR A 171 -6.77 9.52 15.14
CA TYR A 171 -6.61 10.00 13.77
C TYR A 171 -5.57 11.09 13.73
N TYR A 172 -5.19 11.49 12.52
CA TYR A 172 -4.39 12.69 12.30
C TYR A 172 -4.90 13.44 11.10
N VAL A 173 -4.52 14.70 11.03
CA VAL A 173 -4.91 15.56 9.95
C VAL A 173 -3.67 16.16 9.35
N VAL A 174 -3.63 16.18 8.02
CA VAL A 174 -2.55 16.83 7.28
C VAL A 174 -2.99 18.14 6.58
N ARG A 175 -2.02 18.95 6.12
CA ARG A 175 -2.32 20.00 5.09
C ARG A 175 -2.75 19.32 3.74
N GLU A 176 -3.55 19.99 2.90
CA GLU A 176 -4.05 19.44 1.60
C GLU A 176 -2.87 18.89 0.77
N PRO A 177 -2.87 17.55 0.45
CA PRO A 177 -1.80 17.06 -0.45
C PRO A 177 -1.93 17.63 -1.89
N GLY A 178 -0.79 17.76 -2.56
CA GLY A 178 -0.74 18.17 -3.96
C GLY A 178 -1.19 17.09 -4.94
N GLN A 179 -0.81 15.83 -4.65
CA GLN A 179 -0.99 14.70 -5.57
C GLN A 179 -1.38 13.42 -4.82
N SER A 180 -2.69 13.13 -4.79
CA SER A 180 -3.24 11.92 -4.11
C SER A 180 -3.83 10.98 -5.14
N PRO A 181 -3.65 9.66 -4.96
CA PRO A 181 -4.42 8.66 -5.69
C PRO A 181 -5.88 8.60 -5.16
N ILE A 182 -6.68 9.48 -5.76
CA ILE A 182 -7.98 9.81 -5.15
C ILE A 182 -8.88 8.61 -5.04
N PHE A 183 -8.73 7.63 -5.94
CA PHE A 183 -9.67 6.50 -5.94
C PHE A 183 -9.44 5.46 -4.86
N TRP A 184 -8.38 5.62 -4.06
CA TRP A 184 -8.12 4.76 -2.93
C TRP A 184 -8.44 5.35 -1.57
N TYR A 185 -8.71 6.64 -1.53
CA TYR A 185 -8.89 7.33 -0.24
C TYR A 185 -10.30 7.39 0.28
N ALA A 186 -10.42 7.30 1.60
CA ALA A 186 -11.70 7.46 2.27
C ALA A 186 -12.23 8.89 2.05
N PRO A 187 -13.55 9.06 2.06
CA PRO A 187 -14.14 10.39 1.84
C PRO A 187 -13.68 11.43 2.83
N GLU A 188 -13.50 11.08 4.10
CA GLU A 188 -13.03 12.03 5.12
C GLU A 188 -11.60 12.44 4.85
N SER A 189 -10.84 11.58 4.18
CA SER A 189 -9.48 11.94 3.82
C SER A 189 -9.51 12.90 2.69
N LEU A 190 -10.35 12.63 1.69
CA LEU A 190 -10.45 13.47 0.49
C LEU A 190 -11.00 14.87 0.83
N SER A 191 -12.00 14.93 1.70
CA SER A 191 -12.65 16.17 1.99
C SER A 191 -11.99 16.97 3.12
N ASP A 192 -11.57 16.30 4.19
CA ASP A 192 -11.11 16.98 5.43
C ASP A 192 -9.64 16.64 5.80
N ASN A 193 -8.95 15.86 4.97
CA ASN A 193 -7.53 15.50 5.20
C ASN A 193 -7.32 14.71 6.49
N ILE A 194 -8.35 13.96 6.86
CA ILE A 194 -8.33 13.12 8.04
C ILE A 194 -7.91 11.69 7.64
N PHE A 195 -6.93 11.15 8.38
CA PHE A 195 -6.49 9.76 8.15
C PHE A 195 -6.49 9.00 9.47
N SER A 196 -6.72 7.70 9.40
CA SER A 196 -6.89 6.86 10.58
C SER A 196 -6.72 5.40 10.19
N ARG A 197 -6.79 4.51 11.16
CA ARG A 197 -6.82 3.09 10.81
C ARG A 197 -8.15 2.73 10.08
N GLN A 198 -9.18 3.51 10.34
CA GLN A 198 -10.46 3.36 9.63
CA GLN A 198 -10.44 3.31 9.62
C GLN A 198 -10.41 3.83 8.16
N SER A 199 -9.59 4.82 7.85
CA SER A 199 -9.42 5.24 6.45
C SER A 199 -8.57 4.14 5.75
N ASP A 200 -7.64 3.55 6.47
CA ASP A 200 -6.94 2.38 5.93
C ASP A 200 -7.87 1.22 5.56
N VAL A 201 -8.90 0.96 6.35
CA VAL A 201 -9.89 -0.06 6.03
C VAL A 201 -10.58 0.28 4.69
N TRP A 202 -10.95 1.53 4.46
CA TRP A 202 -11.51 1.93 3.16
C TRP A 202 -10.58 1.56 2.02
N SER A 203 -9.31 1.98 2.12
CA SER A 203 -8.34 1.63 1.11
C SER A 203 -8.21 0.14 0.91
N PHE A 204 -8.25 -0.64 2.00
CA PHE A 204 -8.18 -2.08 1.88
C PHE A 204 -9.34 -2.63 1.06
N GLY A 205 -10.52 -2.06 1.23
CA GLY A 205 -11.61 -2.38 0.37
C GLY A 205 -11.29 -2.22 -1.11
N VAL A 206 -10.63 -1.11 -1.46
CA VAL A 206 -10.24 -0.88 -2.85
C VAL A 206 -9.16 -1.91 -3.28
N VAL A 207 -8.27 -2.29 -2.37
CA VAL A 207 -7.35 -3.41 -2.65
C VAL A 207 -8.06 -4.72 -2.94
N LEU A 208 -9.08 -5.07 -2.16
CA LEU A 208 -9.86 -6.23 -2.46
C LEU A 208 -10.45 -6.14 -3.89
N TYR A 209 -10.94 -4.96 -4.28
CA TYR A 209 -11.44 -4.70 -5.65
C TYR A 209 -10.32 -4.93 -6.73
N GLU A 210 -9.16 -4.40 -6.48
CA GLU A 210 -7.99 -4.62 -7.33
C GLU A 210 -7.70 -6.13 -7.46
N LEU A 211 -7.67 -6.85 -6.34
CA LEU A 211 -7.39 -8.30 -6.36
CA LEU A 211 -7.39 -8.31 -6.34
C LEU A 211 -8.41 -9.05 -7.20
N PHE A 212 -9.68 -8.83 -6.91
CA PHE A 212 -10.72 -9.55 -7.58
C PHE A 212 -11.09 -9.13 -9.00
N THR A 213 -10.46 -8.10 -9.50
CA THR A 213 -10.48 -7.74 -10.89
C THR A 213 -9.12 -8.02 -11.57
N TYR A 214 -8.17 -8.62 -10.85
CA TYR A 214 -6.80 -8.84 -11.37
C TYR A 214 -6.17 -7.58 -11.89
N CYS A 215 -6.52 -6.42 -11.29
CA CYS A 215 -6.03 -5.16 -11.74
C CYS A 215 -6.20 -4.90 -13.23
N ASP A 216 -7.26 -5.45 -13.83
CA ASP A 216 -7.54 -5.22 -15.22
C ASP A 216 -7.78 -3.75 -15.45
N LYS A 217 -7.08 -3.20 -16.44
CA LYS A 217 -7.20 -1.76 -16.74
C LYS A 217 -8.60 -1.38 -17.26
N SER A 218 -9.31 -2.34 -17.87
CA SER A 218 -10.67 -2.09 -18.34
C SER A 218 -11.66 -1.82 -17.20
N CYS A 219 -11.38 -2.31 -15.99
CA CYS A 219 -12.31 -2.02 -14.87
C CYS A 219 -11.63 -1.48 -13.63
N SER A 220 -10.57 -0.75 -13.86
CA SER A 220 -9.84 -0.08 -12.78
C SER A 220 -10.75 0.95 -12.10
N PRO A 221 -10.36 1.35 -10.91
CA PRO A 221 -11.19 2.40 -10.27
C PRO A 221 -11.35 3.66 -11.12
N SER A 222 -10.27 4.11 -11.78
CA SER A 222 -10.37 5.26 -12.68
C SER A 222 -11.26 4.98 -13.87
N ALA A 223 -11.21 3.77 -14.44
CA ALA A 223 -12.11 3.48 -15.54
C ALA A 223 -13.58 3.46 -15.09
N GLU A 224 -13.86 2.89 -13.94
CA GLU A 224 -15.22 2.79 -13.44
C GLU A 224 -15.78 4.20 -13.14
N PHE A 225 -14.94 5.02 -12.57
CA PHE A 225 -15.26 6.42 -12.33
C PHE A 225 -15.66 7.09 -13.66
N LEU A 226 -14.85 6.94 -14.71
CA LEU A 226 -15.09 7.61 -15.98
C LEU A 226 -16.38 7.12 -16.62
N ARG A 227 -16.71 5.87 -16.39
CA ARG A 227 -18.00 5.32 -16.80
C ARG A 227 -19.18 5.85 -15.95
N MET A 228 -19.01 5.94 -14.64
CA MET A 228 -20.12 6.28 -13.74
C MET A 228 -20.29 7.76 -13.48
N MET A 229 -19.33 8.57 -13.95
CA MET A 229 -19.35 10.01 -13.60
C MET A 229 -20.50 10.72 -14.31
N GLY A 230 -20.98 10.11 -15.40
CA GLY A 230 -22.12 10.60 -16.12
C GLY A 230 -21.69 11.24 -17.41
N SER A 231 -22.68 11.85 -18.04
CA SER A 231 -22.52 12.41 -19.39
C SER A 231 -21.77 13.75 -19.39
N GLU A 232 -21.79 14.44 -18.24
CA GLU A 232 -21.09 15.71 -18.04
C GLU A 232 -19.60 15.40 -17.84
N ARG A 233 -18.78 15.76 -18.82
CA ARG A 233 -17.37 15.33 -18.89
C ARG A 233 -16.28 16.23 -18.25
N ASP A 234 -16.35 17.57 -18.42
CA ASP A 234 -15.31 18.56 -17.94
C ASP A 234 -15.44 18.93 -16.44
N VAL A 235 -15.94 17.99 -15.64
CA VAL A 235 -16.11 18.20 -14.23
C VAL A 235 -14.87 17.66 -13.53
N PRO A 236 -14.31 18.42 -12.59
CA PRO A 236 -13.17 17.98 -11.86
C PRO A 236 -13.45 16.62 -11.19
N ALA A 237 -12.48 15.73 -11.29
CA ALA A 237 -12.72 14.37 -10.87
C ALA A 237 -12.93 14.31 -9.37
N LEU A 238 -12.11 15.00 -8.59
CA LEU A 238 -12.22 14.89 -7.15
C LEU A 238 -13.57 15.39 -6.68
N SER A 239 -14.02 16.49 -7.27
CA SER A 239 -15.36 17.08 -6.94
C SER A 239 -16.47 16.07 -7.19
N ARG A 240 -16.44 15.52 -8.37
CA ARG A 240 -17.45 14.57 -8.78
C ARG A 240 -17.41 13.27 -8.00
N LEU A 241 -16.21 12.75 -7.74
CA LEU A 241 -16.09 11.57 -6.90
C LEU A 241 -16.70 11.77 -5.52
N LEU A 242 -16.42 12.91 -4.89
CA LEU A 242 -16.97 13.13 -3.58
C LEU A 242 -18.52 13.13 -3.64
N GLU A 243 -19.10 13.73 -4.67
CA GLU A 243 -20.58 13.67 -4.85
C GLU A 243 -21.10 12.22 -5.03
N LEU A 244 -20.44 11.42 -5.85
CA LEU A 244 -20.88 10.05 -6.10
C LEU A 244 -20.82 9.27 -4.83
N LEU A 245 -19.75 9.46 -4.03
CA LEU A 245 -19.61 8.70 -2.82
C LEU A 245 -20.65 9.14 -1.82
N GLU A 246 -20.94 10.43 -1.81
CA GLU A 246 -21.94 10.92 -0.86
C GLU A 246 -23.31 10.35 -1.18
N GLU A 247 -23.63 10.20 -2.47
CA GLU A 247 -24.89 9.59 -2.93
C GLU A 247 -24.99 8.10 -2.67
N GLY A 248 -23.89 7.47 -2.21
CA GLY A 248 -23.85 6.06 -1.89
C GLY A 248 -23.35 5.18 -3.03
N GLN A 249 -22.92 5.77 -4.14
CA GLN A 249 -22.42 4.97 -5.23
C GLN A 249 -21.05 4.39 -4.86
N ARG A 250 -20.80 3.18 -5.37
CA ARG A 250 -19.56 2.46 -5.05
C ARG A 250 -19.13 1.64 -6.29
N LEU A 251 -17.88 1.23 -6.25
CA LEU A 251 -17.39 0.36 -7.28
C LEU A 251 -18.26 -0.90 -7.38
N PRO A 252 -18.51 -1.36 -8.61
CA PRO A 252 -19.36 -2.54 -8.80
C PRO A 252 -18.71 -3.85 -8.40
N ALA A 253 -19.49 -4.89 -8.12
CA ALA A 253 -18.95 -6.17 -7.74
C ALA A 253 -18.28 -6.75 -9.00
N PRO A 254 -17.01 -7.08 -8.91
CA PRO A 254 -16.43 -7.81 -10.04
C PRO A 254 -17.19 -9.13 -10.31
N PRO A 255 -17.37 -9.50 -11.59
CA PRO A 255 -18.22 -10.68 -11.89
C PRO A 255 -17.74 -11.94 -11.19
N ALA A 256 -16.43 -12.10 -11.11
CA ALA A 256 -15.84 -13.28 -10.53
C ALA A 256 -15.67 -13.24 -9.02
N CYS A 257 -16.04 -12.12 -8.38
CA CYS A 257 -15.79 -11.94 -6.98
C CYS A 257 -16.85 -12.70 -6.18
N PRO A 258 -16.44 -13.52 -5.20
CA PRO A 258 -17.42 -14.14 -4.34
C PRO A 258 -18.31 -13.11 -3.66
N ALA A 259 -19.59 -13.42 -3.50
CA ALA A 259 -20.54 -12.48 -2.89
C ALA A 259 -20.09 -12.09 -1.52
N GLU A 260 -19.47 -13.02 -0.77
CA GLU A 260 -19.10 -12.70 0.61
C GLU A 260 -17.99 -11.65 0.64
N VAL A 261 -17.11 -11.68 -0.36
CA VAL A 261 -16.02 -10.72 -0.48
C VAL A 261 -16.54 -9.35 -0.91
N HIS A 262 -17.51 -9.34 -1.82
CA HIS A 262 -18.13 -8.07 -2.17
C HIS A 262 -18.82 -7.39 -0.95
N GLU A 263 -19.45 -8.21 -0.13
CA GLU A 263 -20.10 -7.68 1.06
CA GLU A 263 -20.11 -7.69 1.09
C GLU A 263 -19.07 -7.10 2.02
N LEU A 264 -17.91 -7.74 2.13
CA LEU A 264 -16.83 -7.17 2.95
C LEU A 264 -16.38 -5.83 2.35
N MET A 265 -16.25 -5.73 1.02
CA MET A 265 -15.90 -4.45 0.39
C MET A 265 -16.85 -3.34 0.77
N LYS A 266 -18.13 -3.65 0.62
CA LYS A 266 -19.19 -2.68 0.99
C LYS A 266 -19.09 -2.21 2.42
N LEU A 267 -18.80 -3.11 3.34
CA LEU A 267 -18.65 -2.72 4.75
C LEU A 267 -17.39 -1.84 4.95
N CYS A 268 -16.29 -2.17 4.28
CA CYS A 268 -15.10 -1.30 4.26
C CYS A 268 -15.38 0.11 3.74
N TRP A 269 -16.38 0.23 2.89
CA TRP A 269 -16.75 1.51 2.33
C TRP A 269 -17.95 2.15 3.02
N ALA A 270 -18.23 1.77 4.25
CA ALA A 270 -19.27 2.53 5.03
C ALA A 270 -18.90 4.01 5.09
N PRO A 271 -19.91 4.88 4.98
CA PRO A 271 -19.70 6.31 5.00
C PRO A 271 -19.03 6.82 6.26
N SER A 272 -19.47 6.30 7.39
CA SER A 272 -18.96 6.74 8.66
C SER A 272 -17.75 5.85 9.02
N PRO A 273 -16.62 6.46 9.38
CA PRO A 273 -15.45 5.61 9.69
C PRO A 273 -15.69 4.63 10.82
N GLN A 274 -16.53 5.05 11.79
CA GLN A 274 -16.82 4.22 12.92
C GLN A 274 -17.72 3.05 12.59
N ASP A 275 -18.34 3.03 11.43
CA ASP A 275 -19.16 1.90 11.02
C ASP A 275 -18.42 0.86 10.20
N ARG A 276 -17.19 1.18 9.84
CA ARG A 276 -16.39 0.25 9.07
C ARG A 276 -15.85 -0.79 10.04
N PRO A 277 -15.71 -2.05 9.58
CA PRO A 277 -15.12 -3.07 10.43
C PRO A 277 -13.64 -2.79 10.70
N SER A 278 -13.10 -3.21 11.82
CA SER A 278 -11.64 -3.16 12.01
C SER A 278 -11.00 -4.26 11.15
N PHE A 279 -9.68 -4.18 10.97
CA PHE A 279 -8.95 -5.28 10.38
C PHE A 279 -9.05 -6.56 11.23
N SER A 280 -9.12 -6.40 12.57
CA SER A 280 -9.31 -7.52 13.51
C SER A 280 -10.62 -8.22 13.27
N ALA A 281 -11.64 -7.50 12.80
CA ALA A 281 -12.95 -8.11 12.49
C ALA A 281 -13.00 -8.69 11.10
N LEU A 282 -12.34 -8.06 10.12
CA LEU A 282 -12.19 -8.59 8.79
C LEU A 282 -11.38 -9.87 8.69
N GLY A 283 -10.30 -9.93 9.45
CA GLY A 283 -9.33 -11.08 9.36
C GLY A 283 -10.00 -12.45 9.47
N PRO A 284 -10.80 -12.67 10.53
CA PRO A 284 -11.49 -13.94 10.74
C PRO A 284 -12.40 -14.30 9.54
N GLN A 285 -13.05 -13.30 8.97
CA GLN A 285 -13.96 -13.53 7.86
C GLN A 285 -13.18 -13.94 6.65
N LEU A 286 -12.10 -13.23 6.33
CA LEU A 286 -11.28 -13.64 5.19
C LEU A 286 -10.60 -15.01 5.42
N ASP A 287 -10.19 -15.27 6.67
CA ASP A 287 -9.55 -16.54 7.03
C ASP A 287 -10.54 -17.69 6.83
N MET A 288 -11.79 -17.49 7.23
CA MET A 288 -12.84 -18.48 7.04
C MET A 288 -13.13 -18.71 5.55
N LEU A 289 -13.24 -17.63 4.78
CA LEU A 289 -13.39 -17.75 3.33
C LEU A 289 -12.21 -18.43 2.64
N TRP A 290 -10.98 -18.02 2.96
CA TRP A 290 -9.82 -18.69 2.39
C TRP A 290 -9.79 -20.19 2.75
N SER A 291 -10.00 -20.50 4.03
CA SER A 291 -9.84 -21.90 4.44
C SER A 291 -10.95 -22.76 3.85
N GLY A 292 -12.13 -22.19 3.66
CA GLY A 292 -13.23 -22.89 3.00
C GLY A 292 -13.02 -23.10 1.51
N SER A 293 -12.03 -22.42 0.91
CA SER A 293 -11.74 -22.48 -0.54
C SER A 293 -10.55 -23.37 -0.88
N ARG A 294 -9.86 -23.90 0.13
CA ARG A 294 -8.74 -24.81 -0.09
C ARG A 294 -9.25 -26.18 -0.49
C1 PHU B . -15.40 3.22 -3.87
C2 PHU B . -15.06 4.52 -5.96
C3 PHU B . -14.01 4.72 -6.85
C4 PHU B . -16.36 4.72 -6.40
C5 PHU B . -16.61 5.10 -7.70
C6 PHU B . -14.26 5.11 -8.15
C7 PHU B . -15.57 5.28 -8.59
N1 PHU B . -14.77 4.13 -4.63
N2 PHU B . -14.81 2.96 -2.73
O1 PHU B . -16.46 2.66 -4.22
C1 EDO C . 7.38 16.60 8.75
O1 EDO C . 6.38 15.97 9.55
C2 EDO C . 6.82 17.33 7.54
O2 EDO C . 5.39 17.41 7.51
C1 EDO D . 9.89 6.18 -3.15
O1 EDO D . 9.10 7.24 -2.59
C2 EDO D . 9.15 5.55 -4.33
O2 EDO D . 8.54 4.33 -3.90
C1 EDO E . -4.09 -21.21 -1.15
O1 EDO E . -5.49 -21.46 -0.96
C2 EDO E . -3.75 -21.57 -2.55
O2 EDO E . -4.01 -20.42 -3.31
C1 EDO F . -19.08 9.84 2.89
O1 EDO F . -20.24 10.38 3.53
C2 EDO F . -19.46 9.18 1.56
O2 EDO F . -20.24 7.99 1.81
C1 EDO G . -10.94 8.39 14.17
O1 EDO G . -11.53 8.22 15.45
C2 EDO G . -11.83 7.77 13.10
O2 EDO G . -12.26 6.47 13.49
C1 EDO H . -5.57 -0.45 -10.31
O1 EDO H . -4.35 -1.00 -9.90
C2 EDO H . -6.49 -1.63 -10.52
O2 EDO H . -6.92 -1.56 -11.85
C1 79R I . 7.44 -1.38 -4.09
C2 79R I . 6.92 -0.14 -3.38
C3 79R I . 6.60 0.98 -4.36
C4 79R I . 7.79 1.30 -5.25
C5 79R I . 8.26 0.05 -6.00
C6 79R I . 8.62 -1.02 -4.98
C7 79R I . 10.09 -3.04 -4.80
C8 79R I . 10.62 -3.06 -3.49
C9 79R I . 10.55 -2.25 -2.30
C12 79R I . 11.22 -5.15 -5.25
C14 79R I . 9.08 -2.85 -6.75
C15 79R I . 8.33 -2.40 -7.90
C18 79R I . 6.50 -1.83 -9.01
O 79R I . 5.97 1.12 -10.00
C22 79R I . 5.22 0.41 -10.66
N5 79R I . 5.03 0.65 -11.96
C24 79R I . 4.20 -0.18 -12.83
C23 79R I . 5.66 1.80 -12.60
C20 79R I . 4.47 -0.69 -9.99
C21 79R I . 3.10 -0.91 -10.33
N4 79R I . 2.01 -1.08 -10.64
C19 79R I . 5.13 -1.51 -9.15
C17 79R I . 7.54 -1.73 -9.87
C16 79R I . 8.70 -2.12 -9.17
O1 79R I . 6.96 -2.23 -7.78
N 79R I . 9.24 -2.24 -5.54
C 79R I . 6.32 -2.10 -4.83
N3 79R I . 9.77 -3.97 -6.86
C13 79R I . 10.40 -4.09 -5.64
N2 79R I . 11.72 -5.22 -4.02
C11 79R I . 11.41 -4.19 -3.19
N1 79R I . 11.80 -4.05 -1.88
C10 79R I . 11.27 -2.89 -1.36
C7 79S J . 9.06 -2.79 -6.80
C9 79S J . 8.56 -2.27 -9.25
N1 79S J . 11.78 -4.05 -1.92
C2 79S J . 10.59 -3.05 -3.52
N2 79S J . 9.23 -2.20 -5.56
C10 79S J . 7.35 -2.10 -9.93
C4 79S J . 11.20 -5.12 -5.29
N3 79S J . 9.75 -3.92 -6.91
N5 79S J . 1.94 -0.96 -10.52
C6 79S J . 11.26 -2.88 -1.39
C17 79S J . 3.05 -1.19 -10.47
C13 79S J . 4.46 -1.46 -10.45
C14 79S J . 5.11 -0.07 -10.49
O1 79S J . 5.56 0.41 -9.46
N4 79S J . 5.11 0.60 -11.65
C16 79S J . 4.48 0.03 -12.84
C15 79S J . 5.71 1.92 -11.84
C12 79S J . 4.86 -2.18 -9.15
C11 79S J . 6.36 -2.12 -9.03
O 79S J . 6.88 -2.25 -7.76
C8 79S J . 8.26 -2.39 -7.92
C 79S J . 10.39 -4.07 -5.69
N 79S J . 11.70 -5.20 -4.05
C1 79S J . 10.08 -3.02 -4.83
C5 79S J . 10.54 -2.24 -2.33
C3 79S J . 11.40 -4.18 -3.22
C18 79S J . 8.61 -1.00 -5.00
C20 79S J . 7.44 -1.39 -4.10
C24 79S J . 6.30 -2.06 -4.85
C21 79S J . 6.95 -0.14 -3.37
C22 79S J . 6.60 0.98 -4.33
C23 79S J . 7.76 1.31 -5.25
C19 79S J . 8.23 0.07 -6.01
#